data_6H7X
#
_entry.id   6H7X
#
_cell.length_a   123.023
_cell.length_b   123.023
_cell.length_c   60.880
_cell.angle_alpha   90.00
_cell.angle_beta   90.00
_cell.angle_gamma   120.00
#
_symmetry.space_group_name_H-M   'P 6'
#
loop_
_entity.id
_entity.type
_entity.pdbx_description
1 polymer 'RuvB-like 2'
2 non-polymer 'MAGNESIUM ION'
3 non-polymer 1,2-ETHANEDIOL
4 non-polymer DI(HYDROXYETHYL)ETHER
5 water water
#
_entity_poly.entity_id   1
_entity_poly.type   'polypeptide(L)'
_entity_poly.pdbx_seq_one_letter_code
;MATVTATTKVPEIRDVTRIERIGAHSHIRGLGLDDALEPRQASQGMVGQLAARRAAGVVLEMIREGKIAGRAVLIAGQPG
TGKTAIAMGMAQALGPDTPFTAIAGSEIFSLEMSKTEALTQAFRRSIGVRIKEETEIIEGEVVEIQIDRPATGTGSKVGK
LTLKTTEMETIYDLGTKMIESLTKDKVQAGDVITIDKATGKISKLGRSFTRARDYDAMGSQTKFVQCPDGELQKRKEVVH
TVSLHEIDVINSRTQGFLALFSGDTGEIKSEVREQINAKVAEWREEGKAEIIPGVLFIDEVHMLDIESFSFLNRALESDM
APVLIMATNRGITRIRGTSYQSPHGIPIDLLDRLLIVSTTPYSEKDTKQILRIRCEEEDVEMSEDAYTVLTRIGLETSLR
YAIQLITAASLVCRKRKGTEVQVDDIKRVYSLFLDESRSTQYMKEYQDAFLFNELKGETMDTS
;
_entity_poly.pdbx_strand_id   A
#
# COMPACT_ATOMS: atom_id res chain seq x y z
N SER A 43 -9.86 -8.83 -15.25
CA SER A 43 -8.92 -8.60 -14.15
C SER A 43 -7.49 -8.51 -14.66
N GLN A 44 -6.89 -7.33 -14.48
CA GLN A 44 -5.51 -7.08 -14.86
C GLN A 44 -4.75 -6.45 -13.69
N GLY A 45 -5.05 -6.92 -12.49
CA GLY A 45 -4.46 -6.37 -11.28
C GLY A 45 -5.42 -6.44 -10.11
N MET A 46 -6.71 -6.33 -10.41
CA MET A 46 -7.76 -6.44 -9.40
C MET A 46 -9.04 -6.92 -10.08
N VAL A 47 -10.03 -7.23 -9.27
CA VAL A 47 -11.27 -7.85 -9.74
C VAL A 47 -12.43 -6.89 -9.55
N GLY A 48 -13.37 -6.92 -10.49
CA GLY A 48 -14.60 -6.17 -10.39
C GLY A 48 -14.41 -4.67 -10.32
N GLN A 49 -15.51 -4.00 -9.93
CA GLN A 49 -15.53 -2.55 -9.79
C GLN A 49 -15.16 -1.86 -11.09
N LEU A 50 -15.77 -2.32 -12.18
CA LEU A 50 -15.43 -1.80 -13.50
C LEU A 50 -15.79 -0.32 -13.62
N ALA A 51 -16.97 0.07 -13.14
CA ALA A 51 -17.40 1.46 -13.25
C ALA A 51 -16.51 2.38 -12.44
N ALA A 52 -16.24 2.01 -11.18
CA ALA A 52 -15.38 2.84 -10.34
C ALA A 52 -13.98 2.96 -10.94
N ARG A 53 -13.43 1.85 -11.44
CA ARG A 53 -12.11 1.90 -12.07
C ARG A 53 -12.12 2.80 -13.30
N ARG A 54 -13.21 2.74 -14.07
CA ARG A 54 -13.33 3.61 -15.25
C ARG A 54 -13.28 5.07 -14.84
N ALA A 55 -14.05 5.45 -13.82
CA ALA A 55 -13.98 6.82 -13.31
C ALA A 55 -12.58 7.16 -12.83
N ALA A 56 -11.95 6.25 -12.08
CA ALA A 56 -10.59 6.48 -11.61
C ALA A 56 -9.64 6.75 -12.78
N GLY A 57 -9.83 6.05 -13.90
CA GLY A 57 -8.96 6.27 -15.04
C GLY A 57 -9.08 7.68 -15.59
N VAL A 58 -10.30 8.22 -15.62
CA VAL A 58 -10.49 9.60 -16.09
C VAL A 58 -9.79 10.57 -15.14
N VAL A 59 -9.78 10.26 -13.84
CA VAL A 59 -9.08 11.11 -12.88
C VAL A 59 -7.58 11.05 -13.13
N LEU A 60 -7.04 9.87 -13.43
CA LEU A 60 -5.62 9.74 -13.70
C LEU A 60 -5.19 10.63 -14.87
N GLU A 61 -6.04 10.73 -15.90
CA GLU A 61 -5.70 11.59 -17.03
C GLU A 61 -5.74 13.06 -16.64
N MET A 62 -6.63 13.44 -15.72
CA MET A 62 -6.61 14.80 -15.19
C MET A 62 -5.30 15.07 -14.46
N ILE A 63 -4.86 14.12 -13.63
CA ILE A 63 -3.63 14.30 -12.87
C ILE A 63 -2.45 14.49 -13.80
N ARG A 64 -2.35 13.63 -14.82
CA ARG A 64 -1.22 13.71 -15.74
C ARG A 64 -1.27 15.00 -16.56
N GLU A 65 -2.47 15.44 -16.95
CA GLU A 65 -2.62 16.68 -17.69
C GLU A 65 -2.61 17.91 -16.79
N GLY A 66 -2.50 17.73 -15.48
CA GLY A 66 -2.44 18.84 -14.56
C GLY A 66 -3.76 19.54 -14.31
N LYS A 67 -4.88 19.00 -14.80
CA LYS A 67 -6.18 19.62 -14.65
C LYS A 67 -6.89 19.19 -13.37
N ILE A 68 -6.15 18.88 -12.31
CA ILE A 68 -6.73 18.47 -11.04
C ILE A 68 -6.21 19.35 -9.90
N ALA A 69 -5.71 20.53 -10.22
CA ALA A 69 -5.18 21.42 -9.18
C ALA A 69 -6.25 21.75 -8.16
N GLY A 70 -5.93 21.53 -6.88
CA GLY A 70 -6.88 21.81 -5.81
C GLY A 70 -8.10 20.94 -5.84
N ARG A 71 -7.95 19.67 -6.21
CA ARG A 71 -9.05 18.73 -6.27
C ARG A 71 -8.66 17.43 -5.57
N ALA A 72 -9.64 16.80 -4.94
CA ALA A 72 -9.47 15.52 -4.27
C ALA A 72 -10.56 14.57 -4.77
N VAL A 73 -10.47 13.32 -4.33
CA VAL A 73 -11.40 12.28 -4.74
C VAL A 73 -12.13 11.77 -3.51
N LEU A 74 -13.41 11.47 -3.67
CA LEU A 74 -14.20 10.81 -2.63
C LEU A 74 -14.80 9.54 -3.22
N ILE A 75 -14.50 8.40 -2.60
CA ILE A 75 -15.03 7.11 -3.03
C ILE A 75 -16.21 6.79 -2.11
N ALA A 76 -17.41 7.04 -2.60
CA ALA A 76 -18.61 6.60 -1.88
C ALA A 76 -18.85 5.12 -2.13
N GLY A 77 -19.69 4.54 -1.30
CA GLY A 77 -20.02 3.12 -1.40
C GLY A 77 -19.93 2.42 -0.05
N GLN A 78 -20.49 1.22 -0.03
CA GLN A 78 -20.50 0.44 1.20
C GLN A 78 -19.10 -0.10 1.50
N PRO A 79 -18.86 -0.50 2.75
CA PRO A 79 -17.56 -1.08 3.09
C PRO A 79 -17.36 -2.42 2.39
N GLY A 80 -16.10 -2.79 2.24
CA GLY A 80 -15.76 -4.05 1.61
C GLY A 80 -16.03 -4.10 0.12
N THR A 81 -15.96 -2.96 -0.56
CA THR A 81 -16.18 -2.90 -1.99
C THR A 81 -14.92 -2.50 -2.76
N GLY A 82 -13.74 -2.76 -2.17
CA GLY A 82 -12.49 -2.55 -2.88
C GLY A 82 -12.07 -1.11 -3.04
N LYS A 83 -12.49 -0.23 -2.13
CA LYS A 83 -12.09 1.17 -2.23
C LYS A 83 -10.57 1.32 -2.11
N THR A 84 -9.97 0.66 -1.11
CA THR A 84 -8.52 0.75 -0.95
C THR A 84 -7.79 0.28 -2.19
N ALA A 85 -8.25 -0.82 -2.79
CA ALA A 85 -7.65 -1.31 -4.02
C ALA A 85 -7.70 -0.25 -5.12
N ILE A 86 -8.82 0.47 -5.23
CA ILE A 86 -8.92 1.54 -6.22
C ILE A 86 -7.84 2.59 -6.00
N ALA A 87 -7.78 3.13 -4.77
CA ALA A 87 -6.79 4.16 -4.47
C ALA A 87 -5.38 3.63 -4.66
N MET A 88 -5.12 2.40 -4.22
CA MET A 88 -3.80 1.82 -4.34
C MET A 88 -3.41 1.67 -5.82
N GLY A 89 -4.34 1.21 -6.65
CA GLY A 89 -4.05 1.05 -8.06
C GLY A 89 -3.82 2.36 -8.78
N MET A 90 -4.40 3.46 -8.28
CA MET A 90 -4.15 4.76 -8.90
C MET A 90 -2.71 5.20 -8.67
N ALA A 91 -2.18 4.95 -7.46
CA ALA A 91 -0.78 5.26 -7.20
C ALA A 91 0.14 4.52 -8.16
N GLN A 92 -0.05 3.20 -8.27
CA GLN A 92 0.75 2.41 -9.19
C GLN A 92 0.62 2.93 -10.62
N ALA A 93 -0.59 3.37 -11.00
CA ALA A 93 -0.81 3.88 -12.35
C ALA A 93 -0.01 5.14 -12.63
N LEU A 94 0.36 5.90 -11.59
CA LEU A 94 1.19 7.08 -11.79
C LEU A 94 2.66 6.73 -11.96
N GLY A 95 3.09 5.61 -11.39
CA GLY A 95 4.46 5.19 -11.48
C GLY A 95 4.75 4.00 -10.59
N PRO A 96 5.81 3.24 -10.91
CA PRO A 96 6.10 2.03 -10.12
C PRO A 96 6.41 2.32 -8.67
N ASP A 97 7.04 3.46 -8.38
CA ASP A 97 7.35 3.83 -7.00
C ASP A 97 6.68 5.15 -6.63
N THR A 98 5.35 5.18 -6.64
CA THR A 98 4.60 6.34 -6.20
C THR A 98 4.19 6.13 -4.75
N PRO A 99 4.55 7.04 -3.83
CA PRO A 99 4.19 6.81 -2.42
C PRO A 99 2.68 6.64 -2.24
N PHE A 100 2.30 5.62 -1.48
CA PHE A 100 0.90 5.37 -1.17
C PHE A 100 0.75 5.21 0.33
N THR A 101 -0.17 5.96 0.92
CA THR A 101 -0.46 5.89 2.34
C THR A 101 -1.96 5.69 2.53
N ALA A 102 -2.33 4.77 3.41
CA ALA A 102 -3.73 4.49 3.72
C ALA A 102 -3.91 4.63 5.23
N ILE A 103 -4.83 5.50 5.63
CA ILE A 103 -5.17 5.70 7.04
C ILE A 103 -6.67 5.60 7.20
N ALA A 104 -7.11 5.60 8.46
CA ALA A 104 -8.52 5.66 8.81
C ALA A 104 -8.78 6.93 9.60
N GLY A 105 -9.97 7.50 9.40
CA GLY A 105 -10.30 8.75 10.08
C GLY A 105 -10.07 8.69 11.57
N SER A 106 -10.37 7.54 12.19
CA SER A 106 -10.24 7.42 13.64
C SER A 106 -8.79 7.37 14.10
N GLU A 107 -7.85 7.14 13.19
CA GLU A 107 -6.45 6.96 13.56
C GLU A 107 -5.71 8.27 13.83
N ILE A 108 -6.34 9.43 13.57
CA ILE A 108 -5.72 10.70 13.90
C ILE A 108 -5.96 11.10 15.35
N PHE A 109 -6.88 10.42 16.03
CA PHE A 109 -7.12 10.61 17.46
C PHE A 109 -6.38 9.50 18.19
N SER A 110 -5.23 9.84 18.77
CA SER A 110 -4.39 8.87 19.44
C SER A 110 -3.82 9.47 20.72
N LEU A 111 -3.27 8.58 21.56
CA LEU A 111 -2.56 8.97 22.76
C LEU A 111 -1.08 9.24 22.50
N GLU A 112 -0.58 8.89 21.32
CA GLU A 112 0.84 9.04 20.99
C GLU A 112 1.12 10.30 20.18
N MET A 113 0.17 10.77 19.38
CA MET A 113 0.35 11.96 18.56
C MET A 113 -0.86 12.86 18.72
N SER A 114 -0.69 14.11 18.29
CA SER A 114 -1.80 15.03 18.13
C SER A 114 -2.38 14.90 16.73
N LYS A 115 -3.60 15.41 16.56
CA LYS A 115 -4.21 15.39 15.24
C LYS A 115 -3.30 16.03 14.20
N THR A 116 -2.64 17.13 14.58
CA THR A 116 -1.72 17.79 13.67
C THR A 116 -0.56 16.86 13.31
N GLU A 117 0.03 16.22 14.32
CA GLU A 117 1.15 15.32 14.08
C GLU A 117 0.72 14.11 13.25
N ALA A 118 -0.47 13.57 13.54
CA ALA A 118 -0.94 12.40 12.80
C ALA A 118 -1.12 12.72 11.32
N LEU A 119 -1.72 13.87 11.02
CA LEU A 119 -1.92 14.25 9.62
C LEU A 119 -0.60 14.58 8.94
N THR A 120 0.26 15.34 9.63
CA THR A 120 1.56 15.69 9.05
C THR A 120 2.31 14.45 8.60
N GLN A 121 2.37 13.43 9.45
CA GLN A 121 3.02 12.18 9.07
C GLN A 121 2.31 11.54 7.88
N ALA A 122 0.98 11.54 7.90
CA ALA A 122 0.22 10.93 6.80
C ALA A 122 0.56 11.60 5.47
N PHE A 123 0.71 12.92 5.47
CA PHE A 123 1.05 13.63 4.24
C PHE A 123 2.52 13.43 3.86
N ARG A 124 3.41 13.40 4.86
CA ARG A 124 4.84 13.24 4.58
C ARG A 124 5.19 11.83 4.14
N ARG A 125 4.36 10.84 4.47
CA ARG A 125 4.55 9.50 3.91
C ARG A 125 4.13 9.44 2.45
N SER A 126 3.29 10.38 2.00
CA SER A 126 2.74 10.36 0.65
C SER A 126 3.50 11.26 -0.31
N ILE A 127 4.49 12.00 0.18
CA ILE A 127 5.30 12.88 -0.65
C ILE A 127 6.68 12.25 -0.79
N GLY A 128 7.07 11.90 -2.01
CA GLY A 128 8.30 11.21 -2.27
C GLY A 128 9.41 12.14 -2.72
N VAL A 129 10.65 11.73 -2.47
CA VAL A 129 11.83 12.44 -2.93
C VAL A 129 12.63 11.46 -3.78
N ARG A 130 12.83 11.81 -5.05
CA ARG A 130 13.43 10.92 -6.03
C ARG A 130 14.87 11.35 -6.28
N ILE A 131 15.81 10.47 -5.90
CA ILE A 131 17.23 10.74 -6.06
C ILE A 131 17.79 9.79 -7.10
N LYS A 132 18.75 10.29 -7.90
CA LYS A 132 19.42 9.50 -8.92
C LYS A 132 20.81 9.12 -8.42
N GLU A 133 21.00 7.83 -8.15
CA GLU A 133 22.31 7.31 -7.82
C GLU A 133 23.04 6.93 -9.11
N GLU A 134 24.30 7.36 -9.24
CA GLU A 134 25.12 7.07 -10.40
C GLU A 134 26.20 6.09 -9.98
N THR A 135 26.06 4.83 -10.40
CA THR A 135 26.97 3.77 -10.05
C THR A 135 27.82 3.37 -11.25
N GLU A 136 29.10 3.09 -11.00
CA GLU A 136 30.00 2.63 -12.04
C GLU A 136 30.00 1.11 -12.07
N ILE A 137 29.85 0.54 -13.27
CA ILE A 137 29.75 -0.90 -13.45
C ILE A 137 30.75 -1.32 -14.53
N ILE A 138 31.69 -2.17 -14.15
CA ILE A 138 32.67 -2.72 -15.09
C ILE A 138 32.08 -3.99 -15.69
N GLU A 139 31.83 -3.97 -16.99
CA GLU A 139 31.32 -5.12 -17.71
C GLU A 139 32.25 -5.46 -18.86
N GLY A 140 32.69 -6.72 -18.92
CA GLY A 140 33.62 -7.14 -19.95
C GLY A 140 33.81 -8.63 -19.93
N GLU A 141 34.52 -9.11 -20.96
CA GLU A 141 34.78 -10.54 -21.12
C GLU A 141 36.06 -10.92 -20.38
N VAL A 142 35.98 -11.99 -19.58
CA VAL A 142 37.13 -12.44 -18.81
C VAL A 142 38.18 -12.99 -19.76
N VAL A 143 39.41 -12.47 -19.66
CA VAL A 143 40.52 -12.90 -20.50
C VAL A 143 41.51 -13.74 -19.71
N GLU A 144 41.73 -13.42 -18.44
CA GLU A 144 42.71 -14.16 -17.64
C GLU A 144 42.55 -13.79 -16.17
N ILE A 145 42.93 -14.72 -15.30
CA ILE A 145 43.00 -14.50 -13.86
C ILE A 145 44.39 -14.89 -13.40
N GLN A 146 44.96 -14.09 -12.49
CA GLN A 146 46.31 -14.36 -11.98
C GLN A 146 46.30 -14.22 -10.48
N ILE A 147 46.89 -15.19 -9.80
CA ILE A 147 46.92 -15.22 -8.33
C ILE A 147 48.31 -15.63 -7.86
N LYS A 160 45.46 -10.19 -10.34
CA LYS A 160 45.15 -9.44 -11.56
C LYS A 160 44.03 -10.12 -12.33
N LEU A 161 43.05 -9.32 -12.79
CA LEU A 161 41.97 -9.81 -13.62
C LEU A 161 41.98 -9.02 -14.92
N THR A 162 42.05 -9.72 -16.05
CA THR A 162 42.10 -9.09 -17.36
C THR A 162 40.73 -9.25 -18.02
N LEU A 163 40.02 -8.14 -18.18
CA LEU A 163 38.74 -8.11 -18.87
C LEU A 163 38.90 -7.38 -20.20
N LYS A 164 37.97 -7.65 -21.12
CA LYS A 164 37.98 -6.99 -22.41
C LYS A 164 36.56 -6.85 -22.93
N THR A 165 36.34 -5.79 -23.70
CA THR A 165 35.19 -5.67 -24.57
C THR A 165 35.65 -5.94 -26.00
N THR A 166 34.78 -5.70 -26.98
CA THR A 166 35.17 -5.82 -28.37
C THR A 166 36.01 -4.65 -28.84
N GLU A 167 36.41 -3.75 -27.93
CA GLU A 167 37.16 -2.55 -28.28
C GLU A 167 38.37 -2.28 -27.40
N MET A 168 38.46 -2.84 -26.20
CA MET A 168 39.57 -2.54 -25.31
C MET A 168 39.79 -3.69 -24.34
N GLU A 169 40.93 -3.63 -23.66
CA GLU A 169 41.33 -4.64 -22.68
C GLU A 169 42.09 -3.97 -21.56
N THR A 170 41.92 -4.46 -20.34
CA THR A 170 42.49 -3.82 -19.16
C THR A 170 42.79 -4.87 -18.10
N ILE A 171 43.83 -4.62 -17.32
CA ILE A 171 44.20 -5.45 -16.18
C ILE A 171 43.77 -4.74 -14.90
N TYR A 172 43.01 -5.43 -14.06
CA TYR A 172 42.53 -4.89 -12.79
C TYR A 172 43.18 -5.64 -11.63
N ASP A 173 43.71 -4.89 -10.67
CA ASP A 173 44.26 -5.52 -9.47
C ASP A 173 43.16 -6.24 -8.70
N LEU A 174 43.54 -7.30 -8.00
CA LEU A 174 42.59 -8.18 -7.34
C LEU A 174 42.93 -8.31 -5.86
N GLY A 175 41.96 -8.02 -5.00
CA GLY A 175 42.14 -8.20 -3.57
C GLY A 175 41.72 -9.58 -3.10
N THR A 176 42.01 -9.86 -1.83
CA THR A 176 41.68 -11.17 -1.27
C THR A 176 40.18 -11.44 -1.34
N LYS A 177 39.37 -10.44 -0.99
CA LYS A 177 37.91 -10.60 -1.08
C LYS A 177 37.48 -10.84 -2.51
N MET A 178 38.14 -10.19 -3.47
CA MET A 178 37.79 -10.37 -4.87
C MET A 178 38.15 -11.78 -5.35
N ILE A 179 39.35 -12.24 -5.02
CA ILE A 179 39.78 -13.58 -5.43
C ILE A 179 38.78 -14.62 -4.96
N GLU A 180 38.51 -14.65 -3.65
CA GLU A 180 37.52 -15.57 -3.12
C GLU A 180 36.17 -15.35 -3.80
N SER A 181 35.70 -14.11 -3.83
CA SER A 181 34.46 -13.80 -4.54
C SER A 181 34.51 -14.30 -5.97
N LEU A 182 35.64 -14.14 -6.64
CA LEU A 182 35.77 -14.58 -8.02
C LEU A 182 35.77 -16.10 -8.12
N THR A 183 36.44 -16.76 -7.17
CA THR A 183 36.47 -18.23 -7.19
C THR A 183 35.06 -18.83 -7.20
N LYS A 184 34.11 -18.15 -6.58
CA LYS A 184 32.73 -18.64 -6.53
C LYS A 184 31.92 -18.11 -7.71
N GLN A 188 36.52 -17.73 -18.13
CA GLN A 188 36.84 -17.15 -19.44
C GLN A 188 35.54 -16.85 -20.19
N ALA A 189 34.66 -16.11 -19.54
CA ALA A 189 33.39 -15.71 -20.14
C ALA A 189 32.94 -14.42 -19.45
N GLY A 190 32.16 -13.63 -20.21
CA GLY A 190 31.94 -12.23 -19.85
C GLY A 190 30.92 -12.06 -18.74
N ASP A 191 31.13 -11.03 -17.92
CA ASP A 191 30.39 -10.89 -16.68
C ASP A 191 30.30 -9.41 -16.32
N VAL A 192 29.89 -9.12 -15.08
CA VAL A 192 29.73 -7.75 -14.59
C VAL A 192 30.42 -7.62 -13.24
N ILE A 193 30.93 -6.41 -12.96
CA ILE A 193 31.56 -6.09 -11.68
C ILE A 193 31.22 -4.65 -11.33
N THR A 194 30.65 -4.45 -10.14
CA THR A 194 30.40 -3.10 -9.61
C THR A 194 31.50 -2.75 -8.63
N ILE A 195 31.95 -1.49 -8.67
CA ILE A 195 33.05 -1.04 -7.84
C ILE A 195 32.58 -0.90 -6.40
N ASP A 196 33.49 -1.13 -5.46
CA ASP A 196 33.19 -1.16 -4.03
C ASP A 196 32.12 -2.21 -3.70
N LYS A 197 31.92 -3.17 -4.59
CA LYS A 197 30.98 -4.27 -4.36
C LYS A 197 31.60 -5.57 -4.87
N ALA A 198 30.83 -6.42 -5.52
CA ALA A 198 31.32 -7.74 -5.92
C ALA A 198 30.78 -8.08 -7.30
N THR A 199 30.74 -9.37 -7.61
CA THR A 199 30.53 -9.87 -8.97
C THR A 199 29.10 -10.34 -9.18
N GLY A 200 28.66 -10.26 -10.45
CA GLY A 200 27.40 -10.82 -10.88
C GLY A 200 27.54 -11.50 -12.22
N LYS A 201 27.98 -12.75 -12.21
CA LYS A 201 28.32 -13.45 -13.45
C LYS A 201 27.12 -13.50 -14.40
N ILE A 202 27.32 -12.95 -15.60
CA ILE A 202 26.35 -13.12 -16.68
C ILE A 202 26.64 -14.45 -17.38
N PRO A 228 30.51 -8.19 -24.74
CA PRO A 228 30.36 -6.75 -24.46
C PRO A 228 31.26 -5.90 -25.34
N ASP A 229 30.76 -4.73 -25.76
CA ASP A 229 31.52 -3.81 -26.59
C ASP A 229 31.52 -2.43 -25.92
N GLY A 230 32.23 -1.50 -26.52
CA GLY A 230 32.35 -0.15 -25.99
C GLY A 230 33.40 -0.04 -24.91
N GLU A 231 33.10 0.73 -23.87
CA GLU A 231 34.02 0.92 -22.75
C GLU A 231 33.86 -0.23 -21.75
N LEU A 232 34.92 -0.48 -20.99
CA LEU A 232 34.87 -1.51 -19.95
C LEU A 232 34.06 -1.02 -18.75
N GLN A 233 34.39 0.16 -18.24
CA GLN A 233 33.66 0.74 -17.11
C GLN A 233 32.55 1.63 -17.68
N LYS A 234 31.32 1.15 -17.63
CA LYS A 234 30.15 1.93 -18.00
C LYS A 234 29.48 2.45 -16.73
N ARG A 235 28.31 3.05 -16.88
CA ARG A 235 27.57 3.61 -15.75
C ARG A 235 26.11 3.18 -15.81
N LYS A 236 25.57 2.79 -14.67
CA LYS A 236 24.18 2.40 -14.53
C LYS A 236 23.49 3.31 -13.53
N GLU A 237 22.27 3.74 -13.87
CA GLU A 237 21.50 4.64 -13.02
C GLU A 237 20.54 3.83 -12.16
N VAL A 238 20.39 4.25 -10.91
CA VAL A 238 19.52 3.59 -9.94
C VAL A 238 18.70 4.69 -9.28
N VAL A 239 17.47 4.89 -9.76
CA VAL A 239 16.58 5.86 -9.16
C VAL A 239 16.14 5.36 -7.78
N HIS A 240 16.25 6.22 -6.77
CA HIS A 240 15.81 5.93 -5.43
C HIS A 240 14.67 6.87 -5.05
N THR A 241 13.60 6.32 -4.49
CA THR A 241 12.44 7.09 -4.07
C THR A 241 12.23 6.91 -2.57
N VAL A 242 12.26 8.00 -1.83
CA VAL A 242 12.11 7.98 -0.38
C VAL A 242 11.10 9.03 0.02
N SER A 243 10.19 8.68 0.92
CA SER A 243 9.18 9.62 1.38
C SER A 243 9.78 10.57 2.41
N LEU A 244 9.16 11.74 2.53
CA LEU A 244 9.61 12.72 3.52
C LEU A 244 9.64 12.13 4.92
N HIS A 245 8.66 11.29 5.24
CA HIS A 245 8.62 10.67 6.56
C HIS A 245 9.79 9.72 6.75
N GLU A 246 10.10 8.90 5.74
CA GLU A 246 11.25 8.01 5.85
C GLU A 246 12.51 8.80 6.16
N ILE A 247 12.67 9.98 5.55
CA ILE A 247 13.83 10.81 5.84
C ILE A 247 13.75 11.38 7.26
N ASP A 248 12.54 11.69 7.73
CA ASP A 248 12.38 12.15 9.10
C ASP A 248 12.92 11.14 10.09
N VAL A 249 12.66 9.85 9.86
CA VAL A 249 13.10 8.82 10.79
C VAL A 249 14.61 8.62 10.69
N ILE A 250 15.14 8.62 9.48
CA ILE A 250 16.58 8.45 9.31
C ILE A 250 17.34 9.54 10.07
N ASN A 251 16.85 10.77 10.02
CA ASN A 251 17.53 11.87 10.69
C ASN A 251 17.32 11.81 12.20
N SER A 252 16.10 11.49 12.63
CA SER A 252 15.80 11.41 14.05
C SER A 252 16.33 10.10 14.64
N GLY A 256 14.21 2.73 17.83
CA GLY A 256 13.03 2.30 17.10
C GLY A 256 12.44 1.01 17.61
N PHE A 257 13.32 0.15 18.15
CA PHE A 257 12.86 -1.12 18.71
C PHE A 257 12.07 -0.87 19.98
N LEU A 258 10.85 -1.40 20.03
CA LEU A 258 9.93 -1.18 21.15
C LEU A 258 9.59 0.30 21.33
N ALA A 259 9.87 1.13 20.32
CA ALA A 259 9.58 2.55 20.44
C ALA A 259 8.11 2.80 20.75
N LEU A 260 7.23 1.91 20.28
CA LEU A 260 5.81 2.07 20.57
C LEU A 260 5.52 1.91 22.06
N PHE A 261 6.22 0.99 22.72
CA PHE A 261 6.01 0.72 24.13
C PHE A 261 7.00 1.45 25.03
N SER A 262 7.44 2.63 24.59
CA SER A 262 8.39 3.42 25.37
C SER A 262 7.72 4.45 26.27
N GLY A 263 6.41 4.69 26.10
CA GLY A 263 5.70 5.68 26.87
C GLY A 263 5.82 7.10 26.35
N ASP A 264 6.88 7.41 25.61
CA ASP A 264 7.05 8.74 25.05
C ASP A 264 6.31 8.86 23.72
N THR A 265 5.88 10.08 23.39
CA THR A 265 5.12 10.31 22.19
C THR A 265 5.93 9.92 20.95
N GLY A 266 5.23 9.82 19.82
CA GLY A 266 5.84 9.45 18.56
C GLY A 266 6.00 10.63 17.63
N GLU A 267 6.13 11.82 18.21
CA GLU A 267 6.29 13.03 17.43
C GLU A 267 7.67 13.09 16.78
N ILE A 268 7.76 13.80 15.67
CA ILE A 268 9.02 14.18 15.05
C ILE A 268 9.30 15.63 15.42
N LYS A 269 10.51 15.89 15.92
CA LYS A 269 10.87 17.25 16.33
C LYS A 269 10.61 18.23 15.20
N SER A 270 9.90 19.31 15.52
CA SER A 270 9.52 20.29 14.50
C SER A 270 10.74 20.93 13.85
N GLU A 271 11.83 21.11 14.61
CA GLU A 271 13.06 21.66 14.06
C GLU A 271 13.82 20.65 13.20
N VAL A 272 13.49 19.36 13.30
CA VAL A 272 14.10 18.37 12.43
C VAL A 272 13.44 18.35 11.07
N ARG A 273 12.11 18.44 11.03
CA ARG A 273 11.40 18.49 9.75
C ARG A 273 11.82 19.73 8.96
N GLU A 274 11.89 20.88 9.61
CA GLU A 274 12.27 22.12 8.92
C GLU A 274 13.72 22.07 8.47
N GLN A 275 14.55 21.24 9.07
CA GLN A 275 15.88 20.99 8.53
C GLN A 275 15.82 20.09 7.31
N ILE A 276 14.95 19.08 7.33
CA ILE A 276 14.80 18.19 6.19
C ILE A 276 14.07 18.89 5.06
N ASN A 277 13.07 19.72 5.39
CA ASN A 277 12.41 20.52 4.36
C ASN A 277 13.40 21.42 3.65
N ALA A 278 14.42 21.91 4.36
CA ALA A 278 15.42 22.77 3.74
C ALA A 278 16.45 21.96 2.96
N LYS A 279 16.91 20.83 3.51
CA LYS A 279 17.85 19.99 2.79
C LYS A 279 17.25 19.51 1.47
N VAL A 280 15.98 19.12 1.48
CA VAL A 280 15.33 18.69 0.26
C VAL A 280 15.07 19.87 -0.67
N ALA A 281 14.91 21.08 -0.10
CA ALA A 281 14.69 22.26 -0.93
C ALA A 281 15.93 22.62 -1.73
N GLU A 282 17.11 22.54 -1.10
CA GLU A 282 18.34 22.90 -1.81
C GLU A 282 18.71 21.83 -2.83
N TRP A 283 18.54 20.55 -2.48
CA TRP A 283 18.79 19.47 -3.43
C TRP A 283 17.94 19.66 -4.68
N ARG A 284 16.66 20.00 -4.51
CA ARG A 284 15.79 20.22 -5.65
C ARG A 284 16.27 21.42 -6.48
N GLU A 285 16.69 22.49 -5.82
CA GLU A 285 17.24 23.64 -6.54
C GLU A 285 18.50 23.26 -7.29
N GLU A 286 19.32 22.38 -6.70
CA GLU A 286 20.51 21.88 -7.36
C GLU A 286 20.22 20.82 -8.42
N GLY A 287 18.95 20.43 -8.57
CA GLY A 287 18.60 19.40 -9.52
C GLY A 287 18.99 17.99 -9.11
N LYS A 288 19.37 17.79 -7.86
CA LYS A 288 19.78 16.48 -7.38
C LYS A 288 18.63 15.66 -6.79
N ALA A 289 17.47 16.28 -6.57
CA ALA A 289 16.32 15.59 -6.03
C ALA A 289 15.06 16.10 -6.71
N GLU A 290 14.03 15.26 -6.74
CA GLU A 290 12.76 15.59 -7.35
C GLU A 290 11.63 15.19 -6.40
N ILE A 291 10.60 16.02 -6.33
CA ILE A 291 9.47 15.77 -5.45
C ILE A 291 8.41 15.00 -6.24
N ILE A 292 7.97 13.87 -5.69
CA ILE A 292 6.97 13.01 -6.32
C ILE A 292 5.75 12.95 -5.41
N PRO A 293 4.74 13.79 -5.61
CA PRO A 293 3.52 13.67 -4.81
C PRO A 293 2.83 12.33 -5.04
N GLY A 294 2.63 11.60 -3.95
CA GLY A 294 2.02 10.29 -4.02
C GLY A 294 0.51 10.33 -3.85
N VAL A 295 -0.02 9.34 -3.13
CA VAL A 295 -1.46 9.20 -2.94
C VAL A 295 -1.71 8.94 -1.46
N LEU A 296 -2.50 9.82 -0.83
CA LEU A 296 -2.94 9.64 0.54
C LEU A 296 -4.40 9.20 0.53
N PHE A 297 -4.68 8.05 1.11
CA PHE A 297 -6.03 7.50 1.17
C PHE A 297 -6.51 7.56 2.62
N ILE A 298 -7.62 8.26 2.85
CA ILE A 298 -8.19 8.41 4.18
C ILE A 298 -9.56 7.76 4.17
N ASP A 299 -9.67 6.59 4.79
CA ASP A 299 -10.95 5.91 4.90
C ASP A 299 -11.73 6.45 6.10
N GLU A 300 -13.02 6.13 6.14
CA GLU A 300 -13.91 6.58 7.22
C GLU A 300 -13.72 8.07 7.48
N VAL A 301 -13.65 8.85 6.41
CA VAL A 301 -13.33 10.26 6.52
C VAL A 301 -14.32 11.00 7.41
N HIS A 302 -15.52 10.46 7.58
CA HIS A 302 -16.52 11.11 8.44
C HIS A 302 -16.07 11.21 9.88
N MET A 303 -15.05 10.43 10.28
CA MET A 303 -14.55 10.49 11.65
C MET A 303 -13.74 11.76 11.90
N LEU A 304 -13.26 12.42 10.84
CA LEU A 304 -12.54 13.66 11.00
C LEU A 304 -13.47 14.76 11.52
N ASP A 305 -12.89 15.70 12.27
CA ASP A 305 -13.63 16.84 12.78
C ASP A 305 -13.32 18.07 11.93
N ILE A 306 -14.00 19.17 12.23
CA ILE A 306 -13.91 20.36 11.39
C ILE A 306 -12.47 20.87 11.33
N GLU A 307 -11.76 20.82 12.46
CA GLU A 307 -10.37 21.26 12.46
C GLU A 307 -9.53 20.49 11.45
N SER A 308 -9.73 19.17 11.38
CA SER A 308 -8.94 18.35 10.47
C SER A 308 -9.30 18.64 9.01
N PHE A 309 -10.58 18.88 8.73
CA PHE A 309 -10.98 19.18 7.36
C PHE A 309 -10.37 20.50 6.89
N SER A 310 -10.26 21.49 7.78
CA SER A 310 -9.57 22.72 7.45
C SER A 310 -8.13 22.44 7.03
N PHE A 311 -7.48 21.49 7.70
CA PHE A 311 -6.12 21.11 7.33
C PHE A 311 -6.08 20.55 5.91
N LEU A 312 -6.93 19.57 5.63
CA LEU A 312 -7.00 18.99 4.29
C LEU A 312 -7.24 20.07 3.24
N ASN A 313 -8.24 20.94 3.48
CA ASN A 313 -8.55 21.98 2.50
C ASN A 313 -7.34 22.86 2.24
N ARG A 314 -6.55 23.13 3.27
CA ARG A 314 -5.32 23.91 3.09
C ARG A 314 -4.28 23.12 2.31
N ALA A 315 -4.21 21.80 2.50
CA ALA A 315 -3.22 21.00 1.80
C ALA A 315 -3.49 20.94 0.30
N LEU A 316 -4.76 20.93 -0.11
CA LEU A 316 -5.08 20.91 -1.53
C LEU A 316 -4.63 22.18 -2.23
N GLU A 317 -4.32 23.24 -1.49
CA GLU A 317 -3.82 24.48 -2.07
C GLU A 317 -2.30 24.51 -2.17
N SER A 318 -1.62 23.56 -1.54
CA SER A 318 -0.17 23.44 -1.68
C SER A 318 0.17 22.80 -3.03
N ASP A 319 1.32 23.20 -3.58
CA ASP A 319 1.72 22.69 -4.89
C ASP A 319 2.39 21.32 -4.80
N MET A 320 2.93 20.96 -3.64
CA MET A 320 3.60 19.68 -3.45
C MET A 320 2.70 18.64 -2.82
N ALA A 321 1.43 18.94 -2.59
CA ALA A 321 0.54 18.03 -1.90
C ALA A 321 0.32 16.76 -2.71
N PRO A 322 0.03 15.64 -2.05
CA PRO A 322 -0.28 14.41 -2.78
C PRO A 322 -1.72 14.45 -3.32
N VAL A 323 -2.03 13.44 -4.13
CA VAL A 323 -3.41 13.24 -4.57
C VAL A 323 -4.21 12.72 -3.38
N LEU A 324 -5.12 13.55 -2.86
CA LEU A 324 -5.93 13.15 -1.73
C LEU A 324 -7.11 12.31 -2.19
N ILE A 325 -7.33 11.19 -1.52
CA ILE A 325 -8.47 10.31 -1.79
C ILE A 325 -9.13 9.98 -0.47
N MET A 326 -10.40 10.32 -0.34
CA MET A 326 -11.18 10.02 0.86
C MET A 326 -12.26 9.00 0.54
N ALA A 327 -12.78 8.37 1.59
CA ALA A 327 -13.84 7.39 1.42
C ALA A 327 -14.76 7.43 2.63
N THR A 328 -16.01 7.05 2.42
CA THR A 328 -16.98 6.93 3.50
C THR A 328 -18.22 6.25 2.95
N ASN A 329 -18.90 5.50 3.81
CA ASN A 329 -20.18 4.88 3.49
C ASN A 329 -21.35 5.64 4.10
N ARG A 330 -21.09 6.82 4.66
CA ARG A 330 -22.13 7.65 5.25
C ARG A 330 -22.75 8.55 4.19
N GLY A 331 -24.08 8.66 4.22
CA GLY A 331 -24.76 9.61 3.37
C GLY A 331 -24.62 11.02 3.90
N ILE A 332 -25.67 11.51 4.55
CA ILE A 332 -25.62 12.79 5.26
C ILE A 332 -25.37 12.49 6.73
N THR A 333 -24.51 13.28 7.35
CA THR A 333 -24.20 13.07 8.75
C THR A 333 -23.63 14.36 9.34
N ARG A 334 -23.51 14.38 10.66
CA ARG A 334 -23.02 15.56 11.36
C ARG A 334 -21.53 15.77 11.08
N ILE A 335 -21.14 17.04 11.03
CA ILE A 335 -19.73 17.41 10.91
C ILE A 335 -19.16 17.42 12.32
N ARG A 336 -18.33 16.45 12.64
CA ARG A 336 -17.75 16.35 13.97
C ARG A 336 -17.07 17.66 14.35
N GLY A 337 -17.34 18.13 15.56
CA GLY A 337 -16.95 19.44 16.00
C GLY A 337 -18.04 20.49 15.87
N THR A 338 -19.17 20.15 15.23
CA THR A 338 -20.27 21.08 15.05
C THR A 338 -21.59 20.31 15.25
N SER A 339 -22.69 21.04 15.15
CA SER A 339 -24.03 20.46 15.22
C SER A 339 -24.76 20.57 13.89
N TYR A 340 -24.01 20.58 12.78
CA TYR A 340 -24.57 20.77 11.46
C TYR A 340 -24.46 19.49 10.65
N GLN A 341 -25.56 19.10 10.02
CA GLN A 341 -25.54 18.01 9.06
C GLN A 341 -24.87 18.46 7.77
N SER A 342 -24.35 17.50 7.03
CA SER A 342 -23.71 17.80 5.76
C SER A 342 -23.46 16.52 4.98
N PRO A 343 -23.50 16.55 3.65
CA PRO A 343 -23.17 15.36 2.86
C PRO A 343 -21.87 14.71 3.30
N HIS A 344 -21.93 13.47 3.77
CA HIS A 344 -20.75 12.72 4.18
C HIS A 344 -20.03 13.34 5.35
N GLY A 345 -20.66 14.29 6.05
CA GLY A 345 -20.01 14.96 7.16
C GLY A 345 -18.80 15.78 6.76
N ILE A 346 -18.78 16.29 5.53
CA ILE A 346 -17.66 17.07 5.01
C ILE A 346 -18.12 18.51 4.85
N PRO A 347 -17.35 19.50 5.30
CA PRO A 347 -17.74 20.90 5.08
C PRO A 347 -17.79 21.22 3.59
N ILE A 348 -18.52 22.29 3.27
CA ILE A 348 -18.78 22.61 1.87
C ILE A 348 -17.50 23.07 1.17
N ASP A 349 -16.67 23.86 1.86
CA ASP A 349 -15.45 24.35 1.23
C ASP A 349 -14.62 23.20 0.67
N LEU A 350 -14.68 22.03 1.32
CA LEU A 350 -13.97 20.85 0.85
C LEU A 350 -14.80 20.02 -0.11
N LEU A 351 -16.11 19.87 0.15
CA LEU A 351 -16.98 19.19 -0.79
C LEU A 351 -16.88 19.82 -2.18
N ASP A 352 -16.81 21.16 -2.24
CA ASP A 352 -16.81 21.86 -3.52
C ASP A 352 -15.74 21.36 -4.47
N ARG A 353 -14.64 20.82 -3.93
CA ARG A 353 -13.49 20.43 -4.73
C ARG A 353 -13.29 18.92 -4.77
N LEU A 354 -14.37 18.15 -4.69
CA LEU A 354 -14.31 16.71 -4.70
C LEU A 354 -14.88 16.15 -5.99
N LEU A 355 -14.16 15.19 -6.58
CA LEU A 355 -14.70 14.33 -7.62
C LEU A 355 -15.23 13.07 -6.94
N ILE A 356 -16.55 12.87 -6.99
CA ILE A 356 -17.18 11.77 -6.27
C ILE A 356 -17.31 10.58 -7.21
N VAL A 357 -16.82 9.43 -6.76
CA VAL A 357 -17.06 8.15 -7.42
C VAL A 357 -17.73 7.23 -6.41
N SER A 358 -18.22 6.09 -6.89
CA SER A 358 -18.93 5.14 -6.04
C SER A 358 -18.60 3.72 -6.48
N THR A 359 -18.55 2.83 -5.50
CA THR A 359 -18.38 1.41 -5.73
C THR A 359 -19.65 0.67 -5.33
N THR A 360 -19.99 -0.35 -6.09
CA THR A 360 -21.13 -1.21 -5.81
C THR A 360 -20.69 -2.47 -5.11
N PRO A 361 -21.63 -3.21 -4.51
CA PRO A 361 -21.27 -4.49 -3.88
C PRO A 361 -20.80 -5.50 -4.91
N TYR A 362 -19.90 -6.38 -4.48
CA TYR A 362 -19.35 -7.38 -5.38
C TYR A 362 -20.41 -8.39 -5.77
N SER A 363 -20.44 -8.73 -7.05
CA SER A 363 -21.35 -9.75 -7.55
C SER A 363 -20.89 -11.13 -7.08
N GLU A 364 -21.72 -12.13 -7.39
CA GLU A 364 -21.36 -13.51 -7.03
C GLU A 364 -20.14 -13.97 -7.81
N LYS A 365 -19.97 -13.50 -9.05
CA LYS A 365 -18.81 -13.89 -9.85
C LYS A 365 -17.54 -13.22 -9.32
N ASP A 366 -17.60 -11.90 -9.11
CA ASP A 366 -16.45 -11.19 -8.56
C ASP A 366 -16.00 -11.81 -7.25
N THR A 367 -16.95 -12.16 -6.39
CA THR A 367 -16.60 -12.67 -5.07
C THR A 367 -15.81 -13.97 -5.17
N LYS A 368 -16.24 -14.89 -6.02
CA LYS A 368 -15.52 -16.15 -6.17
C LYS A 368 -14.15 -15.91 -6.81
N GLN A 369 -14.07 -15.00 -7.78
CA GLN A 369 -12.79 -14.66 -8.39
C GLN A 369 -11.80 -14.21 -7.33
N ILE A 370 -12.21 -13.28 -6.47
CA ILE A 370 -11.32 -12.79 -5.41
C ILE A 370 -10.92 -13.93 -4.48
N LEU A 371 -11.89 -14.76 -4.09
CA LEU A 371 -11.58 -15.89 -3.22
C LEU A 371 -10.55 -16.81 -3.86
N ARG A 372 -10.68 -17.08 -5.17
CA ARG A 372 -9.71 -17.93 -5.85
C ARG A 372 -8.32 -17.33 -5.80
N ILE A 373 -8.22 -16.00 -5.91
CA ILE A 373 -6.91 -15.37 -5.97
C ILE A 373 -6.22 -15.41 -4.60
N ARG A 374 -7.00 -15.26 -3.53
CA ARG A 374 -6.42 -15.33 -2.19
C ARG A 374 -5.98 -16.74 -1.84
N CYS A 375 -6.65 -17.76 -2.38
CA CYS A 375 -6.23 -19.13 -2.14
C CYS A 375 -4.87 -19.41 -2.77
N GLU A 376 -4.71 -19.03 -4.05
CA GLU A 376 -3.42 -19.20 -4.70
C GLU A 376 -2.32 -18.50 -3.92
N GLU A 377 -2.57 -17.27 -3.46
CA GLU A 377 -1.56 -16.52 -2.73
C GLU A 377 -1.21 -17.21 -1.41
N GLU A 378 -2.21 -17.71 -0.69
CA GLU A 378 -1.98 -18.46 0.53
C GLU A 378 -1.58 -19.90 0.28
N ASP A 379 -1.50 -20.32 -1.00
CA ASP A 379 -1.13 -21.70 -1.36
C ASP A 379 -2.14 -22.70 -0.79
N VAL A 380 -3.42 -22.36 -0.89
CA VAL A 380 -4.50 -23.20 -0.37
C VAL A 380 -5.24 -23.80 -1.55
N GLU A 381 -5.33 -25.12 -1.58
CA GLU A 381 -6.17 -25.83 -2.54
C GLU A 381 -7.55 -26.04 -1.93
N MET A 382 -8.59 -25.75 -2.70
CA MET A 382 -9.95 -25.75 -2.20
C MET A 382 -10.88 -26.34 -3.24
N SER A 383 -11.81 -27.19 -2.78
CA SER A 383 -12.74 -27.84 -3.69
C SER A 383 -13.69 -26.82 -4.29
N GLU A 384 -14.33 -27.20 -5.41
CA GLU A 384 -15.25 -26.30 -6.08
C GLU A 384 -16.55 -26.15 -5.30
N ASP A 385 -17.02 -27.24 -4.68
CA ASP A 385 -18.17 -27.13 -3.79
C ASP A 385 -17.85 -26.24 -2.60
N ALA A 386 -16.58 -26.19 -2.19
CA ALA A 386 -16.18 -25.31 -1.10
C ALA A 386 -16.17 -23.85 -1.54
N TYR A 387 -15.63 -23.57 -2.73
CA TYR A 387 -15.67 -22.21 -3.27
C TYR A 387 -17.10 -21.70 -3.31
N THR A 388 -18.03 -22.53 -3.78
CA THR A 388 -19.42 -22.09 -3.88
C THR A 388 -19.98 -21.68 -2.53
N VAL A 389 -19.74 -22.50 -1.50
CA VAL A 389 -20.26 -22.21 -0.17
C VAL A 389 -19.60 -20.95 0.39
N LEU A 390 -18.26 -20.89 0.35
CA LEU A 390 -17.56 -19.73 0.89
C LEU A 390 -17.96 -18.46 0.15
N THR A 391 -18.16 -18.56 -1.16
CA THR A 391 -18.65 -17.40 -1.91
C THR A 391 -20.00 -16.93 -1.37
N ARG A 392 -20.91 -17.87 -1.14
CA ARG A 392 -22.21 -17.52 -0.56
C ARG A 392 -22.04 -16.82 0.79
N ILE A 393 -21.10 -17.31 1.61
CA ILE A 393 -20.81 -16.66 2.88
C ILE A 393 -20.32 -15.24 2.66
N GLY A 394 -19.50 -15.05 1.62
CA GLY A 394 -19.01 -13.70 1.33
C GLY A 394 -20.12 -12.74 0.98
N LEU A 395 -21.12 -13.22 0.22
CA LEU A 395 -22.24 -12.37 -0.15
C LEU A 395 -23.17 -12.09 1.02
N GLU A 396 -23.33 -13.06 1.94
CA GLU A 396 -24.26 -12.90 3.05
C GLU A 396 -23.64 -12.16 4.23
N THR A 397 -22.32 -12.14 4.35
CA THR A 397 -21.66 -11.46 5.45
C THR A 397 -20.74 -10.36 4.92
N SER A 398 -19.50 -10.72 4.60
CA SER A 398 -18.56 -9.78 4.00
C SER A 398 -17.43 -10.55 3.36
N LEU A 399 -16.82 -9.94 2.36
CA LEU A 399 -15.66 -10.56 1.72
C LEU A 399 -14.47 -10.60 2.66
N ARG A 400 -14.35 -9.59 3.55
CA ARG A 400 -13.31 -9.61 4.56
C ARG A 400 -13.43 -10.85 5.45
N TYR A 401 -14.65 -11.19 5.86
CA TYR A 401 -14.85 -12.34 6.72
C TYR A 401 -14.59 -13.65 5.99
N ALA A 402 -15.08 -13.77 4.76
CA ALA A 402 -14.85 -15.00 3.99
C ALA A 402 -13.36 -15.30 3.84
N ILE A 403 -12.53 -14.26 3.72
CA ILE A 403 -11.11 -14.47 3.56
C ILE A 403 -10.49 -14.98 4.85
N GLN A 404 -10.95 -14.49 6.00
CA GLN A 404 -10.49 -15.02 7.27
C GLN A 404 -10.66 -16.53 7.32
N LEU A 405 -11.80 -17.04 6.86
CA LEU A 405 -12.09 -18.46 6.94
C LEU A 405 -11.15 -19.29 6.07
N ILE A 406 -10.52 -18.70 5.06
CA ILE A 406 -9.58 -19.45 4.23
C ILE A 406 -8.41 -19.93 5.09
N THR A 407 -7.85 -19.03 5.89
CA THR A 407 -6.75 -19.42 6.78
C THR A 407 -7.22 -20.43 7.81
N ALA A 408 -8.41 -20.22 8.38
CA ALA A 408 -8.93 -21.13 9.39
C ALA A 408 -9.25 -22.49 8.79
N ALA A 409 -9.92 -22.51 7.62
CA ALA A 409 -10.32 -23.78 7.02
C ALA A 409 -9.12 -24.63 6.64
N SER A 410 -8.05 -23.98 6.14
CA SER A 410 -6.86 -24.74 5.76
C SER A 410 -6.19 -25.40 6.96
N LEU A 411 -6.27 -24.76 8.13
CA LEU A 411 -5.74 -25.38 9.34
C LEU A 411 -6.61 -26.56 9.77
N VAL A 412 -7.93 -26.39 9.73
CA VAL A 412 -8.84 -27.51 9.98
C VAL A 412 -8.56 -28.62 8.97
N CYS A 413 -8.22 -28.26 7.74
CA CYS A 413 -7.88 -29.26 6.73
C CYS A 413 -6.60 -29.98 7.10
N ARG A 414 -5.57 -29.24 7.50
CA ARG A 414 -4.31 -29.87 7.87
C ARG A 414 -4.45 -30.76 9.09
N LYS A 415 -5.35 -30.43 10.02
CA LYS A 415 -5.49 -31.24 11.22
C LYS A 415 -5.99 -32.63 10.88
N ARG A 416 -6.99 -32.73 10.00
CA ARG A 416 -7.49 -34.03 9.56
C ARG A 416 -6.63 -34.65 8.46
N LYS A 417 -5.43 -34.10 8.22
CA LYS A 417 -4.51 -34.65 7.23
C LYS A 417 -5.12 -34.65 5.84
N GLY A 418 -6.05 -33.71 5.58
CA GLY A 418 -6.62 -33.58 4.27
C GLY A 418 -5.72 -32.83 3.32
N THR A 419 -5.99 -32.99 2.02
CA THR A 419 -5.17 -32.36 0.99
C THR A 419 -5.78 -31.09 0.42
N GLU A 420 -7.09 -30.89 0.55
CA GLU A 420 -7.71 -29.66 0.10
C GLU A 420 -8.90 -29.33 1.00
N VAL A 421 -9.18 -28.03 1.12
CA VAL A 421 -10.30 -27.58 1.94
C VAL A 421 -11.60 -28.06 1.30
N GLN A 422 -12.49 -28.61 2.13
CA GLN A 422 -13.78 -29.10 1.67
C GLN A 422 -14.89 -28.28 2.33
N VAL A 423 -16.13 -28.57 1.92
CA VAL A 423 -17.29 -27.89 2.50
C VAL A 423 -17.32 -28.07 4.00
N ASP A 424 -17.01 -29.28 4.48
CA ASP A 424 -17.06 -29.54 5.92
C ASP A 424 -16.09 -28.63 6.66
N ASP A 425 -14.88 -28.45 6.12
CA ASP A 425 -13.93 -27.54 6.74
C ASP A 425 -14.49 -26.13 6.82
N ILE A 426 -15.21 -25.70 5.77
CA ILE A 426 -15.81 -24.37 5.77
C ILE A 426 -16.92 -24.27 6.80
N LYS A 427 -17.76 -25.32 6.88
CA LYS A 427 -18.87 -25.29 7.84
C LYS A 427 -18.36 -25.22 9.27
N ARG A 428 -17.25 -25.88 9.56
CA ARG A 428 -16.73 -25.91 10.93
C ARG A 428 -16.20 -24.53 11.34
N VAL A 429 -15.37 -23.92 10.50
CA VAL A 429 -14.80 -22.62 10.83
C VAL A 429 -15.88 -21.55 10.81
N TYR A 430 -16.92 -21.72 9.97
CA TYR A 430 -18.03 -20.78 10.00
C TYR A 430 -18.75 -20.81 11.33
N SER A 431 -18.82 -21.98 11.97
CA SER A 431 -19.45 -22.08 13.28
C SER A 431 -18.51 -21.63 14.39
N LEU A 432 -17.20 -21.73 14.18
CA LEU A 432 -16.25 -21.40 15.24
C LEU A 432 -15.94 -19.91 15.29
N PHE A 433 -15.96 -19.22 14.15
CA PHE A 433 -15.60 -17.82 14.08
C PHE A 433 -16.80 -17.03 13.57
N LEU A 434 -17.23 -16.05 14.36
CA LEU A 434 -18.41 -15.25 14.06
C LEU A 434 -18.08 -14.07 13.16
N ASP A 435 -19.01 -13.74 12.29
CA ASP A 435 -18.95 -12.48 11.54
C ASP A 435 -19.58 -11.37 12.38
N GLU A 436 -19.37 -10.12 11.93
CA GLU A 436 -19.79 -8.97 12.71
C GLU A 436 -21.28 -9.00 13.03
N SER A 437 -22.10 -9.50 12.10
CA SER A 437 -23.54 -9.51 12.32
C SER A 437 -23.94 -10.57 13.35
N ARG A 438 -23.39 -11.78 13.23
CA ARG A 438 -23.67 -12.81 14.23
C ARG A 438 -23.07 -12.45 15.58
N SER A 439 -21.94 -11.73 15.59
CA SER A 439 -21.29 -11.40 16.85
C SER A 439 -22.11 -10.39 17.64
N THR A 440 -22.76 -9.45 16.95
CA THR A 440 -23.58 -8.47 17.63
C THR A 440 -24.90 -9.04 18.13
N GLN A 441 -25.21 -10.30 17.79
CA GLN A 441 -26.40 -10.98 18.27
C GLN A 441 -26.03 -12.38 18.75
N TYR A 442 -25.03 -12.44 19.63
CA TYR A 442 -24.43 -13.72 19.98
C TYR A 442 -25.35 -14.59 20.84
N MET A 443 -26.30 -14.01 21.55
CA MET A 443 -27.19 -14.83 22.39
C MET A 443 -28.31 -15.47 21.57
N LYS A 444 -28.72 -14.84 20.46
CA LYS A 444 -29.84 -15.37 19.69
C LYS A 444 -29.62 -16.83 19.31
N GLU A 445 -28.37 -17.25 19.13
CA GLU A 445 -28.11 -18.65 18.85
C GLU A 445 -28.32 -19.52 20.08
N TYR A 446 -28.01 -19.01 21.27
CA TYR A 446 -28.24 -19.77 22.49
C TYR A 446 -29.72 -19.78 22.88
N GLN A 447 -30.40 -18.65 22.69
CA GLN A 447 -31.84 -18.62 22.98
C GLN A 447 -32.59 -19.62 22.12
N ASP A 448 -32.27 -19.67 20.83
CA ASP A 448 -32.89 -20.65 19.95
C ASP A 448 -32.66 -22.06 20.45
N ALA A 449 -31.40 -22.41 20.74
CA ALA A 449 -31.09 -23.73 21.27
C ALA A 449 -31.77 -23.94 22.62
N PHE A 450 -31.69 -22.95 23.51
CA PHE A 450 -32.34 -23.08 24.81
C PHE A 450 -33.83 -23.35 24.66
N LEU A 451 -34.50 -22.58 23.79
CA LEU A 451 -35.93 -22.79 23.55
C LEU A 451 -36.17 -24.13 22.89
N PHE A 452 -35.29 -24.53 21.96
CA PHE A 452 -35.46 -25.80 21.27
C PHE A 452 -35.42 -26.97 22.23
N ASN A 453 -34.52 -26.91 23.23
CA ASN A 453 -34.49 -27.94 24.26
C ASN A 453 -35.65 -27.78 25.23
N GLU A 454 -36.07 -26.54 25.49
CA GLU A 454 -37.16 -26.30 26.42
C GLU A 454 -38.42 -27.03 25.98
N LEU A 455 -38.62 -27.19 24.68
CA LEU A 455 -39.79 -27.86 24.14
C LEU A 455 -39.74 -29.38 24.28
N LYS A 456 -38.62 -29.92 24.77
CA LYS A 456 -38.47 -31.36 24.93
C LYS A 456 -38.72 -31.79 26.37
#